data_2FUA
#
_entry.id   2FUA
#
_cell.length_a   93.700
_cell.length_b   93.700
_cell.length_c   42.800
_cell.angle_alpha   90.00
_cell.angle_beta   90.00
_cell.angle_gamma   90.00
#
_symmetry.space_group_name_H-M   'P 4 21 2'
#
loop_
_entity.id
_entity.type
_entity.pdbx_description
1 polymer 'L-FUCULOSE-1-PHOSPHATE ALDOLASE'
2 non-polymer 'COBALT (II) ION'
3 non-polymer 'SULFATE ION'
4 non-polymer BETA-MERCAPTOETHANOL
5 water water
#
_entity_poly.entity_id   1
_entity_poly.type   'polypeptide(L)'
_entity_poly.pdbx_seq_one_letter_code
;MERNKLARQIIDTCLEMTRLGLNQGTAGNVSVRYQDGMLITPTGIPYEKLTESHIVFIDGNGKHEEGKLPSSEWRFHMAA
YQSRPDANAVVHNHAVHCTAVSILNRSIPAIHYMIAAAGGNSIPCAPYATFGTRELSEHVALALKNRKATLLQHHGLIAC
EVNLEKALWLAHEVEVLAQLYLTTLAITDPVPVLSDEEIAVVLEKFKTYGLRIEE
;
_entity_poly.pdbx_strand_id   A
#
loop_
_chem_comp.id
_chem_comp.type
_chem_comp.name
_chem_comp.formula
BME non-polymer BETA-MERCAPTOETHANOL 'C2 H6 O S'
CO non-polymer 'COBALT (II) ION' 'Co 2'
SO4 non-polymer 'SULFATE ION' 'O4 S -2'
#
# COMPACT_ATOMS: atom_id res chain seq x y z
N MET A 1 -18.67 8.92 -9.48
CA MET A 1 -18.26 9.17 -8.07
C MET A 1 -19.43 9.01 -7.08
N GLU A 2 -20.28 8.03 -7.35
CA GLU A 2 -21.43 7.70 -6.50
C GLU A 2 -20.86 6.67 -5.53
N ARG A 3 -21.32 6.66 -4.30
CA ARG A 3 -20.82 5.69 -3.33
C ARG A 3 -20.85 4.24 -3.81
N ASN A 4 -22.00 3.81 -4.33
CA ASN A 4 -22.18 2.43 -4.80
C ASN A 4 -21.24 2.04 -5.92
N LYS A 5 -20.83 3.03 -6.70
CA LYS A 5 -19.91 2.76 -7.80
C LYS A 5 -18.48 2.68 -7.23
N LEU A 6 -18.21 3.43 -6.16
CA LEU A 6 -16.91 3.40 -5.50
C LEU A 6 -16.81 2.11 -4.71
N ALA A 7 -17.95 1.66 -4.17
CA ALA A 7 -18.00 0.44 -3.40
C ALA A 7 -17.67 -0.80 -4.26
N ARG A 8 -18.17 -0.82 -5.49
CA ARG A 8 -17.91 -1.92 -6.42
C ARG A 8 -16.40 -2.00 -6.72
N GLN A 9 -15.81 -0.85 -7.09
CA GLN A 9 -14.39 -0.79 -7.42
C GLN A 9 -13.55 -1.33 -6.30
N ILE A 10 -13.87 -0.93 -5.07
CA ILE A 10 -13.14 -1.39 -3.91
C ILE A 10 -13.19 -2.92 -3.93
N ILE A 11 -14.38 -3.47 -4.15
CA ILE A 11 -14.57 -4.92 -4.19
C ILE A 11 -13.82 -5.57 -5.33
N ASP A 12 -13.86 -4.96 -6.51
CA ASP A 12 -13.13 -5.52 -7.63
C ASP A 12 -11.62 -5.55 -7.37
N THR A 13 -11.14 -4.60 -6.57
CA THR A 13 -9.73 -4.53 -6.24
C THR A 13 -9.36 -5.68 -5.32
N CYS A 14 -10.22 -5.97 -4.36
CA CYS A 14 -9.97 -7.08 -3.43
C CYS A 14 -9.86 -8.42 -4.19
N LEU A 15 -10.78 -8.63 -5.13
CA LEU A 15 -10.84 -9.82 -5.99
C LEU A 15 -9.59 -9.91 -6.87
N GLU A 16 -9.29 -8.81 -7.53
CA GLU A 16 -8.15 -8.74 -8.40
C GLU A 16 -6.86 -8.87 -7.61
N MET A 17 -6.82 -8.35 -6.40
CA MET A 17 -5.61 -8.41 -5.57
C MET A 17 -5.32 -9.84 -5.23
N THR A 18 -6.39 -10.57 -5.01
CA THR A 18 -6.35 -11.99 -4.70
C THR A 18 -5.86 -12.76 -5.91
N ARG A 19 -6.40 -12.42 -7.08
CA ARG A 19 -6.05 -13.03 -8.36
C ARG A 19 -4.54 -12.93 -8.65
N LEU A 20 -3.94 -11.80 -8.28
CA LEU A 20 -2.52 -11.54 -8.48
C LEU A 20 -1.59 -12.20 -7.46
N GLY A 21 -2.17 -12.72 -6.38
CA GLY A 21 -1.39 -13.38 -5.34
C GLY A 21 -0.87 -12.50 -4.23
N LEU A 22 -1.48 -11.33 -4.08
CA LEU A 22 -1.08 -10.38 -3.06
C LEU A 22 -1.93 -10.59 -1.80
N ASN A 23 -3.09 -11.20 -1.98
CA ASN A 23 -4.03 -11.46 -0.88
C ASN A 23 -3.91 -12.86 -0.26
N GLN A 24 -2.75 -13.15 0.34
CA GLN A 24 -2.58 -14.44 1.00
C GLN A 24 -2.83 -14.25 2.51
N GLY A 25 -3.52 -15.23 3.10
CA GLY A 25 -3.88 -15.14 4.51
C GLY A 25 -5.02 -14.14 4.63
N THR A 26 -5.65 -13.85 3.47
CA THR A 26 -6.75 -12.88 3.27
C THR A 26 -6.67 -11.74 4.27
N ALA A 27 -5.54 -11.05 4.28
CA ALA A 27 -5.34 -9.98 5.25
C ALA A 27 -5.38 -8.55 4.72
N GLY A 28 -5.61 -8.40 3.42
CA GLY A 28 -5.62 -7.07 2.89
C GLY A 28 -6.84 -6.23 3.22
N ASN A 29 -6.70 -4.92 2.96
CA ASN A 29 -7.76 -3.94 3.17
C ASN A 29 -7.51 -2.83 2.13
N VAL A 30 -8.59 -2.27 1.60
CA VAL A 30 -8.53 -1.26 0.56
C VAL A 30 -9.51 -0.12 0.90
N SER A 31 -9.14 1.11 0.55
CA SER A 31 -10.01 2.25 0.81
C SER A 31 -9.85 3.29 -0.27
N VAL A 32 -10.76 4.24 -0.31
CA VAL A 32 -10.68 5.35 -1.25
C VAL A 32 -11.05 6.58 -0.46
N ARG A 33 -10.63 7.76 -0.93
CA ARG A 33 -10.96 9.02 -0.28
C ARG A 33 -12.40 9.34 -0.71
N TYR A 34 -13.24 9.73 0.25
CA TYR A 34 -14.64 10.01 -0.05
C TYR A 34 -15.16 11.05 0.92
N GLN A 35 -15.76 12.09 0.35
CA GLN A 35 -16.28 13.20 1.14
C GLN A 35 -15.20 13.70 2.10
N ASP A 36 -15.50 13.66 3.38
CA ASP A 36 -14.56 14.15 4.37
C ASP A 36 -13.82 13.02 5.09
N GLY A 37 -13.85 11.82 4.54
CA GLY A 37 -13.18 10.72 5.18
C GLY A 37 -12.84 9.67 4.13
N MET A 38 -13.33 8.46 4.33
CA MET A 38 -13.07 7.40 3.35
C MET A 38 -14.06 6.26 3.43
N LEU A 39 -14.07 5.48 2.36
CA LEU A 39 -14.87 4.27 2.26
C LEU A 39 -13.81 3.17 2.39
N ILE A 40 -14.04 2.16 3.22
CA ILE A 40 -13.05 1.09 3.40
C ILE A 40 -13.75 -0.25 3.52
N THR A 41 -13.01 -1.34 3.32
CA THR A 41 -13.58 -2.68 3.45
C THR A 41 -13.87 -2.98 4.94
N PRO A 42 -14.85 -3.85 5.22
CA PRO A 42 -15.14 -4.14 6.62
C PRO A 42 -14.24 -5.24 7.21
N THR A 43 -14.24 -5.37 8.53
CA THR A 43 -13.47 -6.41 9.15
C THR A 43 -14.40 -7.61 9.21
N GLY A 44 -13.84 -8.79 9.37
CA GLY A 44 -14.66 -9.98 9.47
C GLY A 44 -15.49 -10.49 8.29
N ILE A 45 -15.12 -10.17 7.06
CA ILE A 45 -15.90 -10.70 5.94
C ILE A 45 -14.94 -11.07 4.83
N PRO A 46 -14.89 -12.36 4.48
CA PRO A 46 -14.01 -12.84 3.42
C PRO A 46 -14.45 -12.17 2.13
N TYR A 47 -13.48 -11.69 1.36
CA TYR A 47 -13.73 -10.98 0.12
C TYR A 47 -14.88 -11.47 -0.81
N GLU A 48 -15.05 -12.78 -0.97
CA GLU A 48 -16.09 -13.30 -1.87
C GLU A 48 -17.52 -13.19 -1.34
N LYS A 49 -17.65 -12.78 -0.08
CA LYS A 49 -18.96 -12.62 0.49
C LYS A 49 -19.32 -11.14 0.48
N LEU A 50 -18.40 -10.32 -0.02
CA LEU A 50 -18.62 -8.88 -0.04
C LEU A 50 -19.66 -8.31 -1.04
N THR A 51 -20.52 -7.43 -0.53
CA THR A 51 -21.54 -6.75 -1.34
C THR A 51 -21.29 -5.29 -1.04
N GLU A 52 -21.75 -4.42 -1.94
CA GLU A 52 -21.59 -2.98 -1.78
C GLU A 52 -22.06 -2.43 -0.43
N SER A 53 -23.04 -3.11 0.17
CA SER A 53 -23.60 -2.68 1.45
C SER A 53 -22.67 -2.94 2.65
N HIS A 54 -21.64 -3.74 2.43
CA HIS A 54 -20.72 -4.04 3.50
C HIS A 54 -19.64 -2.96 3.64
N ILE A 55 -19.46 -2.15 2.60
CA ILE A 55 -18.45 -1.10 2.62
C ILE A 55 -18.81 -0.03 3.65
N VAL A 56 -17.83 0.31 4.45
CA VAL A 56 -18.00 1.24 5.55
C VAL A 56 -17.42 2.62 5.34
N PHE A 57 -18.21 3.62 5.71
CA PHE A 57 -17.77 5.00 5.64
C PHE A 57 -17.25 5.44 7.01
N ILE A 58 -16.10 6.11 7.00
CA ILE A 58 -15.48 6.63 8.23
C ILE A 58 -15.23 8.11 7.93
N ASP A 59 -15.78 9.00 8.76
CA ASP A 59 -15.60 10.42 8.54
C ASP A 59 -14.19 10.88 8.94
N GLY A 60 -13.92 12.19 8.85
CA GLY A 60 -12.61 12.71 9.21
C GLY A 60 -12.24 12.69 10.68
N ASN A 61 -13.22 12.44 11.55
CA ASN A 61 -12.98 12.39 12.99
C ASN A 61 -12.67 11.00 13.52
N GLY A 62 -12.74 10.00 12.64
CA GLY A 62 -12.47 8.63 13.04
C GLY A 62 -13.72 7.87 13.47
N LYS A 63 -14.89 8.49 13.24
CA LYS A 63 -16.19 7.89 13.57
C LYS A 63 -16.80 7.15 12.35
N HIS A 64 -17.18 5.88 12.53
CA HIS A 64 -17.71 5.10 11.43
C HIS A 64 -19.22 4.88 11.42
N GLU A 65 -19.73 4.40 10.29
CA GLU A 65 -21.16 4.13 10.14
C GLU A 65 -21.67 3.17 11.20
N GLU A 66 -22.83 3.49 11.75
CA GLU A 66 -23.41 2.67 12.78
C GLU A 66 -23.75 1.27 12.28
N GLY A 67 -23.47 0.27 13.10
CA GLY A 67 -23.81 -1.07 12.71
C GLY A 67 -22.84 -1.73 11.77
N LYS A 68 -21.74 -1.06 11.47
CA LYS A 68 -20.72 -1.61 10.57
C LYS A 68 -19.32 -1.54 11.18
N LEU A 69 -18.56 -2.63 11.08
CA LEU A 69 -17.22 -2.65 11.63
C LEU A 69 -16.21 -2.51 10.49
N PRO A 70 -15.40 -1.44 10.49
CA PRO A 70 -14.41 -1.24 9.43
C PRO A 70 -13.19 -2.11 9.68
N SER A 71 -12.33 -2.25 8.68
CA SER A 71 -11.09 -3.04 8.82
C SER A 71 -10.39 -2.70 10.13
N SER A 72 -9.78 -3.71 10.75
CA SER A 72 -9.06 -3.51 12.01
C SER A 72 -7.82 -2.62 11.78
N GLU A 73 -7.43 -2.44 10.52
CA GLU A 73 -6.27 -1.63 10.18
C GLU A 73 -6.61 -0.24 9.57
N TRP A 74 -7.84 0.21 9.77
CA TRP A 74 -8.28 1.48 9.18
C TRP A 74 -7.45 2.71 9.54
N ARG A 75 -6.96 2.77 10.78
CA ARG A 75 -6.19 3.91 11.25
C ARG A 75 -5.06 4.37 10.37
N PHE A 76 -4.29 3.45 9.78
CA PHE A 76 -3.21 3.91 8.91
C PHE A 76 -3.68 4.30 7.51
N HIS A 77 -4.92 3.91 7.17
CA HIS A 77 -5.52 4.32 5.90
C HIS A 77 -5.81 5.81 6.11
N MET A 78 -6.23 6.19 7.31
CA MET A 78 -6.51 7.60 7.59
C MET A 78 -5.20 8.41 7.66
N ALA A 79 -4.14 7.81 8.20
CA ALA A 79 -2.82 8.45 8.30
C ALA A 79 -2.25 8.68 6.89
N ALA A 80 -2.42 7.69 6.02
CA ALA A 80 -1.95 7.86 4.66
C ALA A 80 -2.63 9.06 3.98
N TYR A 81 -3.96 9.17 4.12
CA TYR A 81 -4.72 10.28 3.50
C TYR A 81 -4.35 11.65 4.01
N GLN A 82 -4.03 11.72 5.31
CA GLN A 82 -3.65 12.99 5.93
C GLN A 82 -2.18 13.33 5.66
N SER A 83 -1.38 12.34 5.34
CA SER A 83 0.03 12.60 5.08
C SER A 83 0.21 12.99 3.61
N ARG A 84 -0.47 12.29 2.72
CA ARG A 84 -0.37 12.56 1.30
C ARG A 84 -1.73 13.00 0.76
N PRO A 85 -1.95 14.32 0.67
CA PRO A 85 -3.20 14.93 0.19
C PRO A 85 -3.57 14.47 -1.23
N ASP A 86 -2.56 14.21 -2.06
CA ASP A 86 -2.80 13.76 -3.42
C ASP A 86 -3.25 12.31 -3.54
N ALA A 87 -3.18 11.56 -2.43
CA ALA A 87 -3.57 10.15 -2.42
C ALA A 87 -5.08 9.99 -2.41
N ASN A 88 -5.62 9.22 -3.36
CA ASN A 88 -7.08 9.02 -3.41
C ASN A 88 -7.54 7.60 -3.12
N ALA A 89 -6.59 6.67 -3.08
CA ALA A 89 -6.89 5.28 -2.81
C ALA A 89 -5.67 4.65 -2.11
N VAL A 90 -5.94 3.70 -1.21
CA VAL A 90 -4.89 3.05 -0.47
C VAL A 90 -5.16 1.55 -0.54
N VAL A 91 -4.10 0.79 -0.75
CA VAL A 91 -4.15 -0.66 -0.83
C VAL A 91 -3.12 -1.19 0.19
N HIS A 92 -3.55 -2.07 1.10
CA HIS A 92 -2.62 -2.64 2.06
C HIS A 92 -2.73 -4.16 1.97
N ASN A 93 -1.61 -4.85 2.10
CA ASN A 93 -1.63 -6.31 2.06
C ASN A 93 -0.44 -6.87 2.78
N HIS A 94 -0.43 -8.19 2.90
CA HIS A 94 0.64 -8.90 3.56
C HIS A 94 1.32 -9.83 2.51
N ALA A 95 1.54 -9.31 1.29
CA ALA A 95 2.18 -10.06 0.23
C ALA A 95 3.49 -10.69 0.78
N VAL A 96 3.73 -11.97 0.44
CA VAL A 96 4.90 -12.71 0.93
C VAL A 96 6.29 -12.09 0.75
N HIS A 97 6.63 -11.73 -0.48
CA HIS A 97 7.96 -11.16 -0.72
C HIS A 97 8.23 -9.85 -0.02
N CYS A 98 7.29 -8.93 -0.10
CA CYS A 98 7.42 -7.66 0.58
C CYS A 98 7.62 -7.95 2.06
N THR A 99 6.79 -8.83 2.62
CA THR A 99 6.89 -9.17 4.04
C THR A 99 8.26 -9.76 4.45
N ALA A 100 8.80 -10.68 3.67
CA ALA A 100 10.13 -11.25 4.00
C ALA A 100 11.19 -10.16 4.06
N VAL A 101 11.20 -9.22 3.08
CA VAL A 101 12.16 -8.14 3.12
C VAL A 101 11.91 -7.32 4.40
N SER A 102 10.65 -7.06 4.73
CA SER A 102 10.30 -6.28 5.94
C SER A 102 10.71 -7.00 7.21
N ILE A 103 10.82 -8.33 7.17
CA ILE A 103 11.26 -9.09 8.33
C ILE A 103 12.78 -8.89 8.54
N LEU A 104 13.49 -8.63 7.45
CA LEU A 104 14.94 -8.37 7.50
C LEU A 104 15.13 -6.86 7.82
N ASN A 105 14.01 -6.12 7.79
CA ASN A 105 13.99 -4.70 8.02
C ASN A 105 15.03 -3.99 7.17
N ARG A 106 14.92 -4.19 5.87
CA ARG A 106 15.85 -3.56 4.96
C ARG A 106 14.96 -2.82 4.00
N SER A 107 15.46 -1.73 3.45
CA SER A 107 14.71 -1.00 2.44
C SER A 107 15.09 -1.67 1.11
N ILE A 108 14.31 -1.45 0.06
CA ILE A 108 14.67 -2.07 -1.21
C ILE A 108 15.44 -1.01 -1.98
N PRO A 109 16.72 -1.29 -2.29
CA PRO A 109 17.51 -0.31 -3.02
C PRO A 109 17.25 -0.40 -4.55
N ALA A 110 17.89 0.47 -5.31
CA ALA A 110 17.70 0.56 -6.75
C ALA A 110 18.31 -0.56 -7.58
N ILE A 111 17.67 -1.72 -7.54
CA ILE A 111 18.15 -2.88 -8.30
C ILE A 111 17.48 -2.93 -9.68
N HIS A 112 16.47 -2.10 -9.88
CA HIS A 112 15.74 -2.08 -11.14
C HIS A 112 15.24 -0.64 -11.35
N TYR A 113 15.14 -0.19 -12.60
CA TYR A 113 14.72 1.18 -12.85
C TYR A 113 13.27 1.50 -12.50
N MET A 114 12.42 0.47 -12.41
CA MET A 114 11.02 0.68 -12.08
C MET A 114 10.80 1.10 -10.63
N ILE A 115 11.85 1.06 -9.83
CA ILE A 115 11.78 1.49 -8.44
C ILE A 115 11.39 2.98 -8.40
N ALA A 116 11.57 3.69 -9.51
CA ALA A 116 11.23 5.13 -9.60
C ALA A 116 9.73 5.39 -9.58
N ALA A 117 8.94 4.34 -9.83
CA ALA A 117 7.48 4.43 -9.81
C ALA A 117 6.96 4.82 -8.40
N ALA A 118 7.72 4.50 -7.34
CA ALA A 118 7.31 4.84 -5.97
C ALA A 118 7.78 6.22 -5.56
N GLY A 119 8.51 6.88 -6.45
CA GLY A 119 8.95 8.24 -6.17
C GLY A 119 10.41 8.56 -5.91
N GLY A 120 11.28 7.55 -5.83
CA GLY A 120 12.68 7.82 -5.54
C GLY A 120 13.61 6.67 -5.86
N ASN A 121 14.66 6.52 -5.09
CA ASN A 121 15.60 5.45 -5.36
C ASN A 121 15.48 4.30 -4.41
N SER A 122 14.32 4.16 -3.75
CA SER A 122 14.11 3.09 -2.76
C SER A 122 12.67 2.94 -2.35
N ILE A 123 12.41 1.80 -1.70
CA ILE A 123 11.13 1.48 -1.08
C ILE A 123 11.57 1.30 0.41
N PRO A 124 11.18 2.23 1.28
CA PRO A 124 11.55 2.17 2.70
C PRO A 124 10.82 1.11 3.52
N CYS A 125 11.29 0.91 4.73
CA CYS A 125 10.69 -0.03 5.64
C CYS A 125 10.48 0.75 6.91
N ALA A 126 9.22 0.90 7.31
CA ALA A 126 8.90 1.65 8.53
C ALA A 126 9.03 0.70 9.72
N PRO A 127 9.61 1.17 10.84
CA PRO A 127 9.78 0.35 12.05
C PRO A 127 8.45 -0.26 12.56
N TYR A 128 8.57 -1.38 13.26
CA TYR A 128 7.42 -2.09 13.78
C TYR A 128 6.71 -1.46 15.00
N ALA A 129 5.40 -1.58 15.05
CA ALA A 129 4.58 -1.12 16.16
C ALA A 129 3.34 -1.98 16.01
N THR A 130 2.66 -2.25 17.12
CA THR A 130 1.47 -3.08 17.13
C THR A 130 0.44 -2.56 16.14
N PHE A 131 -0.20 -3.47 15.40
CA PHE A 131 -1.23 -3.06 14.42
C PHE A 131 -2.37 -2.29 15.11
N GLY A 132 -2.97 -1.36 14.36
CA GLY A 132 -4.08 -0.58 14.86
C GLY A 132 -3.69 0.52 15.83
N THR A 133 -2.40 0.72 16.08
CA THR A 133 -2.02 1.76 17.04
C THR A 133 -1.61 3.05 16.39
N ARG A 134 -1.68 4.14 17.17
CA ARG A 134 -1.33 5.45 16.69
C ARG A 134 0.18 5.53 16.41
N GLU A 135 0.97 4.78 17.16
CA GLU A 135 2.40 4.77 16.93
C GLU A 135 2.72 4.15 15.56
N LEU A 136 1.98 3.11 15.17
CA LEU A 136 2.19 2.49 13.84
C LEU A 136 1.82 3.56 12.81
N SER A 137 0.69 4.21 13.03
CA SER A 137 0.24 5.29 12.14
C SER A 137 1.32 6.36 11.90
N GLU A 138 2.06 6.73 12.93
CA GLU A 138 3.12 7.75 12.83
C GLU A 138 4.24 7.31 11.92
N HIS A 139 4.72 6.09 12.16
CA HIS A 139 5.78 5.54 11.34
C HIS A 139 5.38 5.49 9.88
N VAL A 140 4.12 5.18 9.61
CA VAL A 140 3.62 5.10 8.24
C VAL A 140 3.58 6.50 7.58
N ALA A 141 3.02 7.47 8.29
CA ALA A 141 2.91 8.84 7.78
C ALA A 141 4.26 9.40 7.43
N LEU A 142 5.26 9.12 8.26
CA LEU A 142 6.61 9.58 8.04
C LEU A 142 7.30 8.91 6.84
N ALA A 143 7.02 7.62 6.59
CA ALA A 143 7.61 6.92 5.46
C ALA A 143 6.97 7.34 4.16
N LEU A 144 5.69 7.69 4.19
CA LEU A 144 5.01 8.09 2.98
C LEU A 144 5.21 9.55 2.60
N LYS A 145 5.89 10.31 3.43
CA LYS A 145 6.11 11.72 3.10
C LYS A 145 6.75 11.89 1.73
N ASN A 146 7.74 11.05 1.41
CA ASN A 146 8.44 11.18 0.12
C ASN A 146 8.42 9.93 -0.79
N ARG A 147 7.50 9.02 -0.49
CA ARG A 147 7.35 7.78 -1.25
C ARG A 147 5.88 7.44 -1.25
N LYS A 148 5.42 6.70 -2.26
CA LYS A 148 4.03 6.26 -2.38
C LYS A 148 3.79 4.85 -1.83
N ALA A 149 4.85 4.13 -1.46
CA ALA A 149 4.73 2.79 -0.91
C ALA A 149 5.81 2.62 0.13
N THR A 150 5.52 1.82 1.15
CA THR A 150 6.49 1.52 2.19
C THR A 150 6.23 0.09 2.68
N LEU A 151 7.29 -0.59 3.11
CA LEU A 151 7.18 -1.92 3.71
C LEU A 151 6.93 -1.56 5.19
N LEU A 152 6.38 -2.49 5.96
CA LEU A 152 6.13 -2.24 7.37
C LEU A 152 6.80 -3.43 8.03
N GLN A 153 7.80 -3.18 8.88
CA GLN A 153 8.54 -4.24 9.54
C GLN A 153 7.73 -5.34 10.24
N HIS A 154 8.02 -6.61 9.90
CA HIS A 154 7.33 -7.80 10.48
C HIS A 154 5.83 -7.71 10.21
N HIS A 155 5.45 -7.11 9.08
CA HIS A 155 4.02 -6.89 8.78
C HIS A 155 3.59 -6.97 7.31
N GLY A 156 4.06 -6.09 6.43
CA GLY A 156 3.59 -6.16 5.06
C GLY A 156 3.83 -4.90 4.26
N LEU A 157 2.83 -4.44 3.51
CA LEU A 157 2.98 -3.28 2.62
C LEU A 157 1.78 -2.35 2.51
N ILE A 158 2.06 -1.06 2.30
CA ILE A 158 1.04 -0.01 2.10
C ILE A 158 1.43 0.76 0.84
N ALA A 159 0.54 0.85 -0.13
CA ALA A 159 0.83 1.61 -1.34
C ALA A 159 -0.37 2.51 -1.61
N CYS A 160 -0.07 3.76 -1.96
CA CYS A 160 -1.13 4.70 -2.28
C CYS A 160 -0.91 5.34 -3.65
N GLU A 161 -2.02 5.76 -4.28
CA GLU A 161 -2.03 6.37 -5.61
C GLU A 161 -3.26 7.24 -5.83
N VAL A 162 -3.41 7.79 -7.02
CA VAL A 162 -4.53 8.67 -7.38
C VAL A 162 -5.86 7.97 -7.64
N ASN A 163 -5.83 6.65 -7.80
CA ASN A 163 -7.04 5.86 -8.01
C ASN A 163 -6.68 4.41 -7.68
N LEU A 164 -7.70 3.56 -7.53
CA LEU A 164 -7.52 2.16 -7.16
C LEU A 164 -6.70 1.36 -8.13
N GLU A 165 -6.87 1.62 -9.42
CA GLU A 165 -6.16 0.89 -10.47
C GLU A 165 -4.64 1.09 -10.38
N LYS A 166 -4.20 2.33 -10.20
CA LYS A 166 -2.78 2.63 -10.07
C LYS A 166 -2.23 2.13 -8.73
N ALA A 167 -3.04 2.25 -7.68
CA ALA A 167 -2.59 1.82 -6.34
C ALA A 167 -2.35 0.35 -6.36
N LEU A 168 -3.26 -0.39 -6.99
CA LEU A 168 -3.14 -1.84 -7.11
C LEU A 168 -1.91 -2.16 -7.93
N TRP A 169 -1.74 -1.43 -9.03
CA TRP A 169 -0.61 -1.65 -9.91
C TRP A 169 0.72 -1.43 -9.18
N LEU A 170 0.81 -0.37 -8.37
CA LEU A 170 2.04 -0.06 -7.61
C LEU A 170 2.38 -1.17 -6.63
N ALA A 171 1.38 -1.59 -5.87
CA ALA A 171 1.51 -2.66 -4.88
C ALA A 171 2.06 -3.93 -5.53
N HIS A 172 1.53 -4.24 -6.71
CA HIS A 172 1.96 -5.40 -7.45
C HIS A 172 3.42 -5.24 -7.88
N GLU A 173 3.77 -4.05 -8.32
CA GLU A 173 5.13 -3.76 -8.73
C GLU A 173 6.13 -3.84 -7.57
N VAL A 174 5.73 -3.46 -6.37
CA VAL A 174 6.67 -3.50 -5.25
C VAL A 174 6.91 -4.95 -4.84
N GLU A 175 5.87 -5.77 -5.04
CA GLU A 175 5.97 -7.18 -4.71
C GLU A 175 7.01 -7.80 -5.67
N VAL A 176 6.95 -7.45 -6.97
CA VAL A 176 7.94 -7.97 -7.93
C VAL A 176 9.38 -7.53 -7.55
N LEU A 177 9.50 -6.25 -7.21
CA LEU A 177 10.80 -5.74 -6.81
C LEU A 177 11.29 -6.47 -5.57
N ALA A 178 10.36 -6.76 -4.67
CA ALA A 178 10.66 -7.48 -3.43
C ALA A 178 11.19 -8.89 -3.74
N GLN A 179 10.52 -9.61 -4.63
CA GLN A 179 10.96 -10.93 -4.99
C GLN A 179 12.33 -10.89 -5.70
N LEU A 180 12.56 -9.86 -6.53
CA LEU A 180 13.83 -9.72 -7.24
C LEU A 180 14.98 -9.52 -6.26
N TYR A 181 14.76 -8.73 -5.22
CA TYR A 181 15.76 -8.45 -4.21
C TYR A 181 16.08 -9.69 -3.36
N LEU A 182 15.07 -10.45 -2.94
CA LEU A 182 15.33 -11.63 -2.12
C LEU A 182 16.11 -12.70 -2.90
N THR A 183 15.69 -12.89 -4.14
CA THR A 183 16.32 -13.84 -5.04
C THR A 183 17.83 -13.56 -5.22
N THR A 184 18.19 -12.31 -5.53
CA THR A 184 19.60 -11.98 -5.74
C THR A 184 20.39 -11.97 -4.43
N LEU A 185 19.76 -11.55 -3.34
CA LEU A 185 20.41 -11.46 -2.04
C LEU A 185 20.90 -12.83 -1.54
N ALA A 186 20.17 -13.87 -1.90
CA ALA A 186 20.51 -15.23 -1.52
C ALA A 186 21.78 -15.68 -2.25
N ILE A 187 22.06 -15.04 -3.37
CA ILE A 187 23.26 -15.35 -4.15
C ILE A 187 24.40 -14.41 -3.77
N THR A 188 24.17 -13.10 -3.75
CA THR A 188 25.22 -12.13 -3.42
C THR A 188 24.72 -10.98 -2.53
N ASP A 189 25.56 -10.57 -1.57
CA ASP A 189 25.26 -9.49 -0.62
C ASP A 189 26.48 -8.55 -0.48
N PRO A 190 26.33 -7.27 -0.84
CA PRO A 190 25.13 -6.61 -1.36
C PRO A 190 24.81 -6.83 -2.83
N VAL A 191 23.56 -6.53 -3.18
CA VAL A 191 23.11 -6.64 -4.57
C VAL A 191 23.52 -5.38 -5.34
N PRO A 192 24.10 -5.54 -6.55
CA PRO A 192 24.52 -4.41 -7.38
C PRO A 192 23.30 -3.51 -7.54
N VAL A 193 23.54 -2.20 -7.63
CA VAL A 193 22.46 -1.25 -7.80
C VAL A 193 22.83 -0.22 -8.84
N LEU A 194 21.82 0.52 -9.27
CA LEU A 194 21.98 1.60 -10.24
C LEU A 194 22.32 2.82 -9.39
N SER A 195 23.13 3.75 -9.90
CA SER A 195 23.52 4.94 -9.15
C SER A 195 22.37 5.94 -8.94
N ASP A 196 22.57 6.88 -8.03
CA ASP A 196 21.60 7.92 -7.77
C ASP A 196 21.38 8.80 -9.00
N GLU A 197 22.42 9.05 -9.79
CA GLU A 197 22.27 9.87 -10.99
C GLU A 197 21.41 9.13 -11.98
N GLU A 198 21.68 7.83 -12.13
CA GLU A 198 20.88 7.07 -13.07
C GLU A 198 19.41 7.03 -12.71
N ILE A 199 19.12 6.99 -11.41
CA ILE A 199 17.73 7.00 -10.95
C ILE A 199 17.19 8.43 -11.19
N ALA A 200 18.04 9.45 -11.12
CA ALA A 200 17.62 10.83 -11.33
C ALA A 200 17.11 11.02 -12.77
N VAL A 201 17.80 10.44 -13.74
CA VAL A 201 17.38 10.49 -15.13
C VAL A 201 16.03 9.76 -15.38
N VAL A 202 15.86 8.57 -14.81
CA VAL A 202 14.62 7.83 -15.00
C VAL A 202 13.45 8.61 -14.42
N LEU A 203 13.64 9.19 -13.24
CA LEU A 203 12.58 10.00 -12.62
C LEU A 203 12.19 11.17 -13.51
N GLU A 204 13.18 11.88 -14.01
CA GLU A 204 12.91 12.99 -14.89
C GLU A 204 12.16 12.45 -16.10
N LYS A 205 12.62 11.34 -16.65
CA LYS A 205 11.97 10.75 -17.83
C LYS A 205 10.53 10.36 -17.58
N PHE A 206 10.22 9.83 -16.40
CA PHE A 206 8.84 9.46 -16.06
C PHE A 206 8.02 10.73 -15.91
N LYS A 207 8.63 11.82 -15.47
CA LYS A 207 7.90 13.08 -15.31
C LYS A 207 7.50 13.56 -16.70
N THR A 208 8.44 13.46 -17.63
CA THR A 208 8.25 13.86 -19.02
C THR A 208 7.10 13.07 -19.71
N TYR A 209 7.25 11.75 -19.77
CA TYR A 209 6.31 10.86 -20.45
C TYR A 209 4.98 10.44 -19.78
N GLY A 210 5.03 10.04 -18.52
CA GLY A 210 3.82 9.60 -17.84
C GLY A 210 3.95 8.19 -17.28
CO CO B . -1.82 -5.55 7.98
S SO4 C . -9.14 -6.68 8.44
O1 SO4 C . -9.55 -7.88 7.94
O2 SO4 C . -9.15 -5.73 7.34
O3 SO4 C . -9.91 -6.34 9.57
O4 SO4 C . -7.86 -6.80 9.04
S SO4 D . -10.08 0.92 16.99
O1 SO4 D . -8.90 1.16 17.69
O2 SO4 D . -10.69 2.06 16.71
O3 SO4 D . -9.90 0.15 15.84
O4 SO4 D . -10.87 0.23 17.83
C1 BME E . -11.10 -7.23 2.21
C2 BME E . -10.20 -7.69 1.09
O1 BME E . -11.67 -8.34 2.88
S2 BME E . -9.49 -6.37 0.05
#